data_3O2S
#
_entry.id   3O2S
#
_cell.length_a   99.396
_cell.length_b   113.564
_cell.length_c   59.102
_cell.angle_alpha   90.00
_cell.angle_beta   90.00
_cell.angle_gamma   90.00
#
_symmetry.space_group_name_H-M   'P 21 21 2'
#
loop_
_entity.id
_entity.type
_entity.pdbx_description
1 polymer Symplekin
2 polymer 'RNA polymerase II subunit A C-terminal domain phosphatase SSU72'
3 non-polymer 'PHOSPHATE ION'
4 water water
#
loop_
_entity_poly.entity_id
_entity_poly.type
_entity_poly.pdbx_seq_one_letter_code
_entity_poly.pdbx_strand_id
1 'polypeptide(L)'
;MGSSHHHHHHSSGLVPRGSHMTTSERVVDLLNQAALITNDSKITVLKQVQELIINKDPTLLDNFLDEIIAFQADKSIEVR
KFVIGFIEEACKRDIELLLKLIANLNMLLRDENVNVVKKAILTMTQLYKVALQWMVKSRVISELQEACWDMVSAMAGDII
LLLDSDNDGIRTHAIKFVEGLIVTLSPRMADSEIPRRQEHDISLDRIPRDHPYIQYNVLWEEGKAALEQLLKFMVHPAIS
SINLTTALGSLANIARQRPMFMSEVIQAYETLHANLPPTLAKSQVSSVRKNLKLHLLSVLKHPASLEFQAQITTLLVDLG
TPQAEIARNMPSSKDTRKRPRDDSDSTLKKM
;
A
2 'polypeptide(L)'
;MGSSHHHHHHSSGLVPRGSHMPSSPLRVAVVCSSNQNRSMEAHNILSKRGFSVRSFGTGTHVKLPGPAPDKPNVYDFKTT
YDQMYNDLLRKDKELYTQNGILHMLDRNKRIKPRPERFQNCKDLFDLILTCEERVYDQVVEDLNSREQETCQPVHVVNVD
IQDNHEEATLGAFLICELCQCIQHTEDMENEIDELLQEFEEKSGRTFLHTVCFY
;
B
#
loop_
_chem_comp.id
_chem_comp.type
_chem_comp.name
_chem_comp.formula
PO4 non-polymer 'PHOSPHATE ION' 'O4 P -3'
#
# COMPACT_ATOMS: atom_id res chain seq x y z
N MET A 21 -42.37 -3.44 3.78
CA MET A 21 -41.20 -4.32 4.13
C MET A 21 -40.12 -3.53 4.89
N THR A 22 -39.94 -3.92 6.17
CA THR A 22 -38.96 -3.31 7.08
C THR A 22 -37.51 -3.69 6.74
N THR A 23 -36.58 -3.35 7.64
CA THR A 23 -35.17 -3.71 7.47
C THR A 23 -34.94 -5.20 7.74
N SER A 24 -35.44 -5.66 8.88
CA SER A 24 -35.40 -7.06 9.28
C SER A 24 -35.97 -8.02 8.23
N GLU A 25 -37.05 -7.60 7.57
CA GLU A 25 -37.63 -8.39 6.51
C GLU A 25 -36.77 -8.29 5.26
N ARG A 26 -36.30 -7.08 4.97
CA ARG A 26 -35.44 -6.83 3.83
C ARG A 26 -34.10 -7.55 3.99
N VAL A 27 -33.73 -7.88 5.23
CA VAL A 27 -32.53 -8.66 5.52
C VAL A 27 -32.76 -10.16 5.37
N VAL A 28 -33.86 -10.69 5.94
CA VAL A 28 -34.17 -12.13 5.85
C VAL A 28 -34.23 -12.54 4.41
N ASP A 29 -34.79 -11.66 3.59
CA ASP A 29 -34.86 -11.91 2.16
C ASP A 29 -33.51 -11.89 1.46
N LEU A 30 -32.68 -10.90 1.77
CA LEU A 30 -31.33 -10.86 1.19
C LEU A 30 -30.48 -12.09 1.52
N LEU A 31 -30.67 -12.63 2.73
CA LEU A 31 -29.95 -13.83 3.18
C LEU A 31 -30.46 -15.12 2.52
N ASN A 32 -31.78 -15.34 2.53
CA ASN A 32 -32.39 -16.41 1.73
C ASN A 32 -31.84 -16.47 0.32
N GLN A 33 -31.71 -15.29 -0.29
CA GLN A 33 -31.09 -15.11 -1.60
C GLN A 33 -29.60 -15.49 -1.60
N ALA A 34 -28.84 -15.00 -0.61
CA ALA A 34 -27.41 -15.28 -0.58
C ALA A 34 -27.10 -16.79 -0.34
N ALA A 35 -27.98 -17.47 0.41
CA ALA A 35 -27.85 -18.91 0.69
C ALA A 35 -28.02 -19.76 -0.58
N LEU A 36 -28.69 -19.18 -1.60
CA LEU A 36 -28.97 -19.84 -2.88
C LEU A 36 -28.03 -19.48 -4.06
N ILE A 37 -27.28 -18.39 -3.98
CA ILE A 37 -26.45 -17.98 -5.11
C ILE A 37 -25.18 -18.80 -5.17
N THR A 38 -24.77 -19.30 -6.33
CA THR A 38 -23.61 -20.18 -6.35
C THR A 38 -22.27 -19.57 -6.80
N ASN A 39 -22.17 -18.25 -6.77
CA ASN A 39 -20.93 -17.63 -7.17
C ASN A 39 -20.60 -16.32 -6.42
N ASP A 40 -19.44 -15.73 -6.74
CA ASP A 40 -18.97 -14.47 -6.17
C ASP A 40 -19.94 -13.27 -6.20
N SER A 41 -20.94 -13.30 -7.07
CA SER A 41 -22.00 -12.29 -7.08
C SER A 41 -22.67 -12.21 -5.73
N LYS A 42 -22.67 -13.29 -4.95
CA LYS A 42 -23.35 -13.28 -3.64
C LYS A 42 -22.72 -12.26 -2.65
N ILE A 43 -21.53 -11.77 -2.96
CA ILE A 43 -20.82 -10.85 -2.08
C ILE A 43 -21.53 -9.49 -2.12
N THR A 44 -22.04 -9.14 -3.30
CA THR A 44 -22.78 -7.89 -3.49
C THR A 44 -23.92 -7.87 -2.48
N VAL A 45 -24.71 -8.93 -2.49
CA VAL A 45 -25.91 -9.10 -1.67
C VAL A 45 -25.50 -9.12 -0.20
N LEU A 46 -24.30 -9.67 0.05
CA LEU A 46 -23.78 -9.75 1.40
C LEU A 46 -23.35 -8.36 1.88
N LYS A 47 -22.74 -7.59 0.97
CA LYS A 47 -22.31 -6.24 1.29
C LYS A 47 -23.47 -5.31 1.65
N GLN A 48 -24.61 -5.55 1.00
CA GLN A 48 -25.83 -4.82 1.25
C GLN A 48 -26.38 -5.21 2.62
N VAL A 49 -26.33 -6.49 2.96
CA VAL A 49 -26.74 -6.94 4.29
C VAL A 49 -25.85 -6.28 5.36
N GLN A 50 -24.55 -6.22 5.06
CA GLN A 50 -23.58 -5.61 5.93
C GLN A 50 -23.95 -4.18 6.26
N GLU A 51 -24.11 -3.36 5.23
CA GLU A 51 -24.53 -1.98 5.38
C GLU A 51 -25.79 -1.84 6.23
N LEU A 52 -26.74 -2.75 6.03
CA LEU A 52 -28.03 -2.67 6.69
C LEU A 52 -28.01 -3.05 8.16
N ILE A 53 -27.05 -3.90 8.56
CA ILE A 53 -27.10 -4.38 9.95
C ILE A 53 -26.01 -3.82 10.82
N ILE A 54 -25.00 -3.24 10.18
CA ILE A 54 -23.93 -2.61 10.91
C ILE A 54 -24.15 -1.10 10.95
N ASN A 55 -24.58 -0.54 9.83
CA ASN A 55 -24.78 0.91 9.76
C ASN A 55 -26.18 1.39 9.89
N LYS A 56 -27.08 0.89 9.05
CA LYS A 56 -28.41 1.47 9.02
C LYS A 56 -29.31 1.05 10.19
N ASP A 57 -28.93 0.02 10.94
CA ASP A 57 -29.71 -0.46 12.09
C ASP A 57 -28.97 -1.52 12.93
N PRO A 58 -28.00 -1.09 13.76
CA PRO A 58 -27.20 -2.10 14.47
C PRO A 58 -27.96 -3.00 15.47
N THR A 59 -29.23 -2.67 15.77
CA THR A 59 -30.01 -3.44 16.72
C THR A 59 -30.26 -4.85 16.16
N LEU A 60 -30.09 -5.02 14.85
CA LEU A 60 -30.32 -6.30 14.19
C LEU A 60 -29.04 -7.13 14.01
N LEU A 61 -27.90 -6.57 14.41
CA LEU A 61 -26.62 -7.21 14.17
C LEU A 61 -26.50 -8.58 14.82
N ASP A 62 -27.10 -8.74 16.00
CA ASP A 62 -26.93 -9.95 16.80
C ASP A 62 -27.77 -11.07 16.27
N ASN A 63 -28.95 -10.70 15.77
CA ASN A 63 -29.95 -11.61 15.24
C ASN A 63 -29.43 -12.38 14.02
N PHE A 64 -28.59 -11.72 13.23
CA PHE A 64 -28.17 -12.27 11.95
C PHE A 64 -26.69 -12.55 11.89
N LEU A 65 -26.00 -12.25 12.99
CA LEU A 65 -24.56 -12.55 13.11
C LEU A 65 -24.15 -14.00 12.72
N ASP A 66 -24.69 -15.00 13.41
CA ASP A 66 -24.21 -16.37 13.23
C ASP A 66 -24.30 -16.73 11.76
N GLU A 67 -25.29 -16.15 11.09
CA GLU A 67 -25.61 -16.50 9.73
C GLU A 67 -24.67 -15.86 8.70
N ILE A 68 -24.20 -14.64 8.93
CA ILE A 68 -23.15 -14.09 8.07
C ILE A 68 -21.83 -14.84 8.25
N ILE A 69 -21.43 -15.05 9.50
CA ILE A 69 -20.18 -15.69 9.89
C ILE A 69 -20.06 -17.08 9.32
N ALA A 70 -21.15 -17.85 9.31
CA ALA A 70 -21.13 -19.21 8.72
C ALA A 70 -20.63 -19.20 7.29
N PHE A 71 -20.64 -18.04 6.65
CA PHE A 71 -20.04 -17.97 5.33
C PHE A 71 -18.54 -18.13 5.36
N GLN A 72 -17.94 -18.12 6.56
CA GLN A 72 -16.50 -18.38 6.72
C GLN A 72 -16.12 -19.70 6.10
N ALA A 73 -17.10 -20.59 5.96
CA ALA A 73 -16.87 -21.94 5.45
C ALA A 73 -17.02 -22.07 3.95
N ASP A 74 -17.37 -20.99 3.26
CA ASP A 74 -17.60 -21.02 1.84
C ASP A 74 -16.28 -21.38 1.15
N LYS A 75 -16.37 -22.09 0.03
CA LYS A 75 -15.17 -22.40 -0.74
C LYS A 75 -14.55 -21.17 -1.45
N SER A 76 -15.30 -20.09 -1.59
CA SER A 76 -14.79 -18.97 -2.36
C SER A 76 -13.87 -18.07 -1.54
N ILE A 77 -12.69 -17.79 -2.09
CA ILE A 77 -11.67 -16.96 -1.47
C ILE A 77 -12.33 -15.62 -1.16
N GLU A 78 -13.04 -15.07 -2.14
CA GLU A 78 -13.62 -13.75 -1.95
C GLU A 78 -14.70 -13.72 -0.89
N VAL A 79 -15.58 -14.72 -0.86
CA VAL A 79 -16.57 -14.78 0.24
C VAL A 79 -15.89 -14.82 1.62
N ARG A 80 -14.81 -15.59 1.72
CA ARG A 80 -14.03 -15.65 2.97
C ARG A 80 -13.41 -14.31 3.30
N LYS A 81 -12.82 -13.65 2.29
CA LYS A 81 -12.30 -12.28 2.50
C LYS A 81 -13.39 -11.33 2.93
N PHE A 82 -14.59 -11.45 2.34
CA PHE A 82 -15.71 -10.61 2.79
C PHE A 82 -16.03 -10.87 4.28
N VAL A 83 -15.99 -12.11 4.74
CA VAL A 83 -16.30 -12.38 6.13
C VAL A 83 -15.30 -11.76 7.12
N ILE A 84 -14.03 -11.79 6.80
CA ILE A 84 -13.06 -11.12 7.66
C ILE A 84 -13.38 -9.64 7.79
N GLY A 85 -13.78 -9.04 6.66
CA GLY A 85 -14.09 -7.60 6.57
C GLY A 85 -15.34 -7.33 7.38
N PHE A 86 -16.28 -8.25 7.32
CA PHE A 86 -17.49 -8.08 8.11
C PHE A 86 -17.14 -8.15 9.60
N ILE A 87 -16.35 -9.15 9.98
CA ILE A 87 -15.87 -9.22 11.32
C ILE A 87 -15.24 -7.86 11.72
N GLU A 88 -14.40 -7.31 10.85
CA GLU A 88 -13.68 -6.11 11.22
C GLU A 88 -14.65 -4.98 11.52
N GLU A 89 -15.67 -4.83 10.70
CA GLU A 89 -16.63 -3.80 10.90
C GLU A 89 -17.56 -4.07 12.10
N ALA A 90 -18.02 -5.30 12.25
CA ALA A 90 -18.85 -5.62 13.41
C ALA A 90 -18.11 -5.28 14.71
N CYS A 91 -16.82 -5.62 14.77
CA CYS A 91 -16.03 -5.35 15.95
C CYS A 91 -15.79 -3.85 16.18
N LYS A 92 -15.60 -3.05 15.12
CA LYS A 92 -15.53 -1.59 15.28
C LYS A 92 -16.88 -1.02 15.73
N ARG A 93 -17.97 -1.53 15.20
CA ARG A 93 -19.24 -1.08 15.66
C ARG A 93 -19.53 -1.51 17.15
N ASP A 94 -19.18 -2.74 17.54
CA ASP A 94 -19.45 -3.22 18.90
C ASP A 94 -18.35 -4.19 19.35
N ILE A 95 -17.31 -3.62 19.96
CA ILE A 95 -16.10 -4.34 20.37
C ILE A 95 -16.36 -5.60 21.25
N GLU A 96 -17.41 -5.62 22.08
CA GLU A 96 -17.85 -6.84 22.80
C GLU A 96 -18.00 -8.10 21.94
N LEU A 97 -18.25 -7.93 20.64
CA LEU A 97 -18.45 -9.07 19.76
C LEU A 97 -17.18 -9.85 19.65
N LEU A 98 -16.06 -9.17 19.83
CA LEU A 98 -14.77 -9.85 19.81
C LEU A 98 -14.68 -10.99 20.82
N LEU A 99 -15.52 -10.98 21.86
CA LEU A 99 -15.58 -12.11 22.76
C LEU A 99 -15.81 -13.39 21.94
N LYS A 100 -16.78 -13.37 21.03
CA LYS A 100 -17.00 -14.56 20.15
C LYS A 100 -16.06 -14.59 18.95
N LEU A 101 -15.96 -13.48 18.22
CA LEU A 101 -15.35 -13.47 16.89
C LEU A 101 -13.82 -13.74 16.78
N ILE A 102 -13.14 -13.62 17.90
CA ILE A 102 -11.70 -13.74 17.85
C ILE A 102 -11.25 -15.15 17.43
N ALA A 103 -12.01 -16.18 17.80
CA ALA A 103 -11.75 -17.54 17.34
C ALA A 103 -11.85 -17.65 15.83
N ASN A 104 -12.91 -17.08 15.26
CA ASN A 104 -13.13 -17.14 13.83
C ASN A 104 -12.01 -16.46 13.08
N LEU A 105 -11.59 -15.33 13.62
CA LEU A 105 -10.53 -14.55 13.04
C LEU A 105 -9.20 -15.27 13.07
N ASN A 106 -8.86 -15.83 14.22
CA ASN A 106 -7.64 -16.59 14.33
C ASN A 106 -7.68 -17.79 13.39
N MET A 107 -8.86 -18.37 13.19
CA MET A 107 -8.89 -19.48 12.27
C MET A 107 -8.77 -19.04 10.82
N LEU A 108 -9.31 -17.88 10.52
CA LEU A 108 -9.21 -17.36 9.18
C LEU A 108 -7.78 -16.88 8.90
N LEU A 109 -7.09 -16.42 9.94
CA LEU A 109 -5.67 -16.21 9.82
C LEU A 109 -4.93 -17.52 9.42
N ARG A 110 -5.49 -18.67 9.72
CA ARG A 110 -4.76 -19.88 9.36
C ARG A 110 -5.27 -20.53 8.10
N ASP A 111 -5.96 -19.74 7.28
CA ASP A 111 -6.57 -20.22 6.04
C ASP A 111 -5.54 -20.75 5.03
N GLU A 112 -5.90 -21.78 4.29
CA GLU A 112 -4.92 -22.31 3.36
C GLU A 112 -4.65 -21.35 2.17
N ASN A 113 -5.47 -20.32 1.98
CA ASN A 113 -5.24 -19.42 0.87
C ASN A 113 -4.58 -18.09 1.27
N VAL A 114 -3.50 -17.74 0.57
CA VAL A 114 -2.70 -16.58 0.96
C VAL A 114 -3.49 -15.27 0.98
N ASN A 115 -4.49 -15.15 0.13
CA ASN A 115 -5.24 -13.90 0.07
C ASN A 115 -6.16 -13.73 1.27
N VAL A 116 -6.62 -14.84 1.83
CA VAL A 116 -7.44 -14.82 3.05
C VAL A 116 -6.55 -14.52 4.25
N VAL A 117 -5.44 -15.23 4.34
CA VAL A 117 -4.44 -14.90 5.34
C VAL A 117 -4.10 -13.39 5.33
N LYS A 118 -3.83 -12.82 4.16
CA LYS A 118 -3.37 -11.44 4.09
C LYS A 118 -4.47 -10.47 4.57
N LYS A 119 -5.70 -10.73 4.18
CA LYS A 119 -6.84 -9.94 4.68
C LYS A 119 -6.91 -10.01 6.21
N ALA A 120 -6.70 -11.19 6.74
CA ALA A 120 -6.72 -11.40 8.20
C ALA A 120 -5.69 -10.50 8.89
N ILE A 121 -4.50 -10.39 8.29
CA ILE A 121 -3.39 -9.61 8.86
C ILE A 121 -3.80 -8.14 8.87
N LEU A 122 -4.38 -7.66 7.76
CA LEU A 122 -4.83 -6.28 7.65
C LEU A 122 -5.94 -5.96 8.63
N THR A 123 -6.85 -6.92 8.87
CA THR A 123 -7.92 -6.66 9.83
C THR A 123 -7.35 -6.61 11.24
N MET A 124 -6.40 -7.48 11.55
CA MET A 124 -5.78 -7.43 12.87
C MET A 124 -5.00 -6.13 13.12
N THR A 125 -4.46 -5.59 12.03
CA THR A 125 -3.77 -4.34 12.10
C THR A 125 -4.72 -3.31 12.61
N GLN A 126 -6.01 -3.44 12.30
CA GLN A 126 -7.01 -2.46 12.73
C GLN A 126 -7.52 -2.76 14.13
N LEU A 127 -7.71 -4.03 14.43
CA LEU A 127 -8.53 -4.42 15.58
C LEU A 127 -7.71 -4.52 16.85
N TYR A 128 -6.43 -4.79 16.70
CA TYR A 128 -5.57 -4.90 17.83
C TYR A 128 -5.67 -3.61 18.70
N LYS A 129 -5.30 -2.47 18.13
CA LYS A 129 -5.51 -1.14 18.73
C LYS A 129 -6.89 -1.04 19.40
N VAL A 130 -7.93 -1.40 18.67
CA VAL A 130 -9.29 -1.17 19.11
C VAL A 130 -9.56 -1.99 20.36
N ALA A 131 -9.13 -3.25 20.35
CA ALA A 131 -9.29 -4.16 21.45
C ALA A 131 -8.48 -3.70 22.68
N LEU A 132 -7.30 -3.15 22.43
CA LEU A 132 -6.45 -2.73 23.50
C LEU A 132 -7.03 -1.49 24.14
N GLN A 133 -7.57 -0.58 23.31
CA GLN A 133 -8.30 0.57 23.81
C GLN A 133 -9.48 0.15 24.71
N TRP A 134 -10.18 -0.91 24.32
CA TRP A 134 -11.27 -1.42 25.11
C TRP A 134 -10.80 -2.05 26.42
N MET A 135 -9.67 -2.75 26.41
CA MET A 135 -9.17 -3.34 27.66
C MET A 135 -8.76 -2.22 28.63
N VAL A 136 -8.21 -1.15 28.09
CA VAL A 136 -7.68 -0.08 28.91
C VAL A 136 -8.80 0.77 29.48
N LYS A 137 -9.81 1.09 28.67
CA LYS A 137 -10.97 1.90 29.12
C LYS A 137 -11.86 1.14 30.09
N SER A 138 -11.75 -0.18 30.11
CA SER A 138 -12.60 -1.01 30.99
C SER A 138 -12.10 -1.03 32.42
N ARG A 139 -13.02 -0.73 33.34
CA ARG A 139 -12.76 -0.62 34.79
C ARG A 139 -12.68 -2.02 35.42
N VAL A 140 -13.82 -2.69 35.46
CA VAL A 140 -13.85 -4.09 35.87
C VAL A 140 -13.87 -4.97 34.61
N ILE A 141 -13.20 -6.10 34.70
CA ILE A 141 -12.87 -6.98 33.59
C ILE A 141 -13.17 -8.43 33.91
N SER A 142 -14.09 -9.05 33.18
CA SER A 142 -14.51 -10.42 33.44
C SER A 142 -13.39 -11.38 32.97
N GLU A 143 -13.42 -12.64 33.42
CA GLU A 143 -12.39 -13.60 33.05
C GLU A 143 -12.43 -13.80 31.58
N LEU A 144 -13.63 -13.73 31.02
CA LEU A 144 -13.80 -13.99 29.61
C LEU A 144 -13.12 -12.91 28.79
N GLN A 145 -13.31 -11.67 29.21
CA GLN A 145 -12.74 -10.56 28.53
C GLN A 145 -11.23 -10.66 28.65
N GLU A 146 -10.71 -11.07 29.80
CA GLU A 146 -9.27 -11.31 29.95
C GLU A 146 -8.78 -12.36 28.94
N ALA A 147 -9.54 -13.45 28.80
CA ALA A 147 -9.11 -14.50 27.91
C ALA A 147 -9.12 -13.95 26.48
N CYS A 148 -10.15 -13.16 26.15
CA CYS A 148 -10.26 -12.62 24.82
C CYS A 148 -9.01 -11.83 24.49
N TRP A 149 -8.62 -10.94 25.39
CA TRP A 149 -7.38 -10.22 25.24
C TRP A 149 -6.18 -11.12 25.04
N ASP A 150 -6.06 -12.22 25.82
CA ASP A 150 -4.95 -13.21 25.61
C ASP A 150 -4.96 -13.82 24.18
N MET A 151 -6.14 -14.16 23.69
CA MET A 151 -6.36 -14.50 22.30
C MET A 151 -5.79 -13.48 21.28
N VAL A 152 -6.19 -12.20 21.43
CA VAL A 152 -5.76 -11.14 20.54
C VAL A 152 -4.25 -11.04 20.65
N SER A 153 -3.78 -11.03 21.89
CA SER A 153 -2.35 -10.93 22.10
C SER A 153 -1.60 -12.09 21.45
N ALA A 154 -2.15 -13.28 21.47
CA ALA A 154 -1.39 -14.39 20.94
C ALA A 154 -1.51 -14.38 19.40
N MET A 155 -2.63 -13.89 18.90
CA MET A 155 -2.76 -13.79 17.46
C MET A 155 -1.71 -12.79 16.88
N ALA A 156 -1.46 -11.72 17.61
CA ALA A 156 -0.36 -10.81 17.31
C ALA A 156 0.96 -11.53 17.30
N GLY A 157 1.12 -12.44 18.25
CA GLY A 157 2.30 -13.30 18.32
C GLY A 157 2.43 -14.16 17.08
N ASP A 158 1.34 -14.81 16.67
CA ASP A 158 1.34 -15.59 15.44
C ASP A 158 1.75 -14.78 14.20
N ILE A 159 1.29 -13.53 14.12
CA ILE A 159 1.51 -12.77 12.91
C ILE A 159 2.96 -12.34 12.88
N ILE A 160 3.50 -12.06 14.07
CA ILE A 160 4.94 -11.83 14.15
C ILE A 160 5.71 -13.04 13.62
N LEU A 161 5.34 -14.27 14.02
CA LEU A 161 5.97 -15.45 13.41
C LEU A 161 5.82 -15.53 11.87
N LEU A 162 4.86 -14.78 11.28
CA LEU A 162 4.65 -14.89 9.86
C LEU A 162 5.77 -14.22 9.06
N LEU A 163 6.57 -13.41 9.74
CA LEU A 163 7.83 -12.96 9.15
C LEU A 163 8.71 -14.11 8.60
N ASP A 164 8.55 -15.33 9.09
CA ASP A 164 9.29 -16.50 8.53
C ASP A 164 8.47 -17.27 7.50
N SER A 165 7.30 -16.75 7.16
CA SER A 165 6.53 -17.32 6.07
C SER A 165 7.38 -17.52 4.79
N ASP A 166 7.02 -18.50 3.97
CA ASP A 166 7.77 -18.64 2.72
C ASP A 166 7.08 -17.87 1.59
N ASN A 167 6.05 -17.09 1.91
CA ASN A 167 5.36 -16.36 0.90
C ASN A 167 5.65 -14.85 0.98
N ASP A 168 6.09 -14.23 -0.11
CA ASP A 168 6.61 -12.85 -0.05
C ASP A 168 5.53 -11.84 0.40
N GLY A 169 4.28 -12.06 -0.05
CA GLY A 169 3.13 -11.26 0.34
C GLY A 169 2.78 -11.35 1.81
N ILE A 170 2.79 -12.56 2.36
CA ILE A 170 2.52 -12.73 3.77
C ILE A 170 3.56 -11.93 4.54
N ARG A 171 4.82 -12.00 4.10
CA ARG A 171 5.90 -11.33 4.82
C ARG A 171 5.65 -9.84 4.85
N THR A 172 5.31 -9.26 3.71
CA THR A 172 5.11 -7.83 3.61
C THR A 172 3.97 -7.36 4.53
N HIS A 173 2.84 -8.05 4.51
CA HIS A 173 1.76 -7.75 5.44
C HIS A 173 2.16 -7.94 6.89
N ALA A 174 2.98 -8.95 7.18
CA ALA A 174 3.46 -9.24 8.54
C ALA A 174 4.29 -8.10 9.06
N ILE A 175 5.15 -7.58 8.18
CA ILE A 175 5.95 -6.41 8.49
C ILE A 175 5.05 -5.23 8.89
N LYS A 176 4.05 -4.88 8.06
CA LYS A 176 3.18 -3.74 8.40
C LYS A 176 2.46 -4.00 9.71
N PHE A 177 2.23 -5.26 10.03
CA PHE A 177 1.46 -5.49 11.20
C PHE A 177 2.37 -5.21 12.39
N VAL A 178 3.57 -5.75 12.31
CA VAL A 178 4.60 -5.57 13.28
C VAL A 178 4.96 -4.12 13.42
N GLU A 179 5.00 -3.38 12.32
CA GLU A 179 5.23 -1.95 12.42
C GLU A 179 4.24 -1.29 13.36
N GLY A 180 2.93 -1.50 13.17
CA GLY A 180 1.87 -0.82 13.98
C GLY A 180 1.89 -1.28 15.45
N LEU A 181 2.27 -2.53 15.66
CA LEU A 181 2.39 -3.08 17.00
C LEU A 181 3.45 -2.33 17.79
N ILE A 182 4.59 -2.07 17.15
CA ILE A 182 5.68 -1.32 17.77
C ILE A 182 5.25 0.12 18.09
N VAL A 183 4.53 0.78 17.17
CA VAL A 183 4.04 2.16 17.46
C VAL A 183 3.02 2.16 18.62
N THR A 184 2.10 1.21 18.58
CA THR A 184 1.06 1.12 19.57
C THR A 184 1.65 0.82 20.94
N LEU A 185 2.68 -0.04 20.97
CA LEU A 185 3.18 -0.49 22.25
C LEU A 185 4.31 0.37 22.74
N SER A 186 4.36 1.63 22.31
CA SER A 186 5.40 2.49 22.80
C SER A 186 4.80 3.87 23.00
N PRO A 187 5.46 4.72 23.78
CA PRO A 187 4.81 5.96 24.14
C PRO A 187 4.99 7.08 23.14
N ARG A 188 3.95 7.87 22.94
CA ARG A 188 4.06 9.13 22.21
C ARG A 188 4.89 10.07 23.02
N MET A 189 5.85 10.73 22.38
CA MET A 189 6.68 11.75 23.09
C MET A 189 6.51 13.13 22.45
N ALA A 190 6.94 14.18 23.13
CA ALA A 190 6.78 15.57 22.64
C ALA A 190 7.30 15.77 21.19
N ASP A 191 8.33 15.02 20.84
CA ASP A 191 8.94 15.16 19.56
C ASP A 191 8.48 14.03 18.58
N SER A 192 7.48 13.23 19.00
CA SER A 192 6.80 12.30 18.08
C SER A 192 6.10 13.06 16.94
N GLU A 193 6.30 12.62 15.71
CA GLU A 193 5.50 13.14 14.61
C GLU A 193 4.34 12.23 14.34
N ILE A 194 3.12 12.67 14.67
CA ILE A 194 1.92 11.84 14.56
C ILE A 194 0.97 12.20 13.41
N PRO A 195 0.68 11.22 12.50
CA PRO A 195 -0.22 11.38 11.33
C PRO A 195 -1.62 11.73 11.79
N ARG A 196 -2.29 12.64 11.08
CA ARG A 196 -3.62 13.14 11.48
C ARG A 196 -4.57 12.01 11.78
N ARG A 197 -4.62 11.03 10.88
CA ARG A 197 -5.58 9.93 10.93
C ARG A 197 -5.49 9.17 12.25
N GLN A 198 -4.27 8.87 12.71
CA GLN A 198 -4.02 8.13 13.93
C GLN A 198 -3.97 8.93 15.24
N GLU A 199 -4.48 10.16 15.21
CA GLU A 199 -4.44 11.05 16.36
C GLU A 199 -5.00 10.36 17.60
N HIS A 200 -6.16 9.73 17.46
CA HIS A 200 -6.87 9.22 18.62
C HIS A 200 -6.53 7.77 18.98
N ASP A 201 -5.57 7.19 18.27
CA ASP A 201 -5.04 5.85 18.54
C ASP A 201 -4.46 5.73 19.97
N ILE A 202 -4.81 4.67 20.67
CA ILE A 202 -4.14 4.33 21.91
C ILE A 202 -2.63 4.23 21.65
N SER A 203 -1.85 4.63 22.63
CA SER A 203 -0.41 4.40 22.66
C SER A 203 -0.03 4.10 24.12
N LEU A 204 1.14 3.52 24.33
CA LEU A 204 1.57 3.15 25.67
C LEU A 204 1.29 4.23 26.72
N ASP A 205 1.61 5.49 26.42
CA ASP A 205 1.55 6.54 27.44
C ASP A 205 0.12 6.79 27.95
N ARG A 206 -0.89 6.36 27.18
CA ARG A 206 -2.31 6.44 27.57
C ARG A 206 -2.76 5.32 28.52
N ILE A 207 -1.89 4.32 28.74
CA ILE A 207 -2.21 3.17 29.59
C ILE A 207 -1.79 3.37 31.04
N PRO A 208 -2.76 3.38 31.97
CA PRO A 208 -2.39 3.65 33.37
C PRO A 208 -1.41 2.61 33.94
N ARG A 209 -0.39 3.11 34.62
CA ARG A 209 0.64 2.29 35.24
C ARG A 209 0.09 1.27 36.26
N ASP A 210 -1.12 1.55 36.78
CA ASP A 210 -1.76 0.73 37.81
C ASP A 210 -3.05 0.01 37.33
N HIS A 211 -3.22 -0.15 36.03
CA HIS A 211 -4.37 -0.88 35.49
C HIS A 211 -4.52 -2.29 36.09
N PRO A 212 -5.77 -2.74 36.33
CA PRO A 212 -5.98 -4.02 36.99
C PRO A 212 -5.60 -5.24 36.15
N TYR A 213 -5.45 -5.07 34.83
CA TYR A 213 -5.12 -6.22 33.99
C TYR A 213 -4.07 -6.01 32.91
N ILE A 214 -4.19 -4.91 32.15
CA ILE A 214 -3.20 -4.52 31.16
C ILE A 214 -1.95 -4.01 31.92
N GLN A 215 -0.81 -4.68 31.70
CA GLN A 215 0.41 -4.36 32.44
C GLN A 215 1.36 -3.52 31.58
N TYR A 216 1.43 -2.23 31.91
CA TYR A 216 2.16 -1.25 31.09
C TYR A 216 3.57 -1.76 30.72
N ASN A 217 4.25 -2.36 31.69
CA ASN A 217 5.58 -2.88 31.48
C ASN A 217 5.65 -4.14 30.63
N VAL A 218 4.66 -5.04 30.72
CA VAL A 218 4.67 -6.22 29.83
C VAL A 218 4.56 -5.77 28.38
N LEU A 219 3.65 -4.82 28.13
CA LEU A 219 3.48 -4.21 26.81
C LEU A 219 4.73 -3.50 26.29
N TRP A 220 5.36 -2.68 27.12
CA TRP A 220 6.57 -1.99 26.70
C TRP A 220 7.61 -3.03 26.26
N GLU A 221 7.76 -4.13 27.01
CA GLU A 221 8.68 -5.21 26.60
C GLU A 221 8.24 -5.91 25.31
N GLU A 222 6.94 -6.09 25.10
CA GLU A 222 6.48 -6.74 23.89
C GLU A 222 6.72 -5.90 22.63
N GLY A 223 6.65 -4.58 22.75
CA GLY A 223 7.04 -3.72 21.64
C GLY A 223 8.54 -3.81 21.32
N LYS A 224 9.36 -3.73 22.38
CA LYS A 224 10.81 -3.89 22.24
C LYS A 224 11.18 -5.19 21.58
N ALA A 225 10.52 -6.27 21.97
CA ALA A 225 10.84 -7.57 21.37
C ALA A 225 10.36 -7.62 19.91
N ALA A 226 9.23 -6.95 19.64
CA ALA A 226 8.69 -6.90 18.30
C ALA A 226 9.68 -6.19 17.42
N LEU A 227 10.22 -5.07 17.92
CA LEU A 227 11.20 -4.33 17.16
C LEU A 227 12.50 -5.14 17.00
N GLU A 228 12.85 -5.95 17.99
CA GLU A 228 14.02 -6.82 17.83
C GLU A 228 13.81 -7.85 16.70
N GLN A 229 12.59 -8.39 16.60
CA GLN A 229 12.27 -9.37 15.57
C GLN A 229 12.44 -8.80 14.15
N LEU A 230 11.97 -7.57 13.99
CA LEU A 230 12.04 -6.83 12.73
C LEU A 230 13.47 -6.55 12.29
N LEU A 231 14.30 -6.12 13.25
CA LEU A 231 15.71 -5.83 13.01
C LEU A 231 16.52 -7.08 12.61
N LYS A 232 16.15 -8.21 13.22
CA LYS A 232 16.66 -9.55 12.84
C LYS A 232 16.26 -9.96 11.41
N PHE A 233 14.99 -9.73 11.10
CA PHE A 233 14.45 -9.95 9.76
C PHE A 233 15.24 -9.22 8.66
N MET A 234 15.54 -7.94 8.89
CA MET A 234 16.31 -7.14 7.95
C MET A 234 17.63 -7.76 7.54
N VAL A 235 18.25 -8.50 8.45
CA VAL A 235 19.55 -9.07 8.21
C VAL A 235 19.58 -10.55 7.73
N HIS A 236 18.43 -11.23 7.62
CA HIS A 236 18.32 -12.51 6.86
C HIS A 236 19.04 -12.33 5.56
N PRO A 237 19.96 -13.22 5.23
CA PRO A 237 20.68 -12.95 3.97
C PRO A 237 19.81 -13.21 2.72
N ALA A 238 18.70 -13.91 2.89
CA ALA A 238 17.86 -14.25 1.75
C ALA A 238 16.66 -13.30 1.59
N ILE A 239 16.72 -12.14 2.24
CA ILE A 239 15.61 -11.20 2.31
C ILE A 239 15.25 -10.71 0.93
N SER A 240 13.96 -10.69 0.62
CA SER A 240 13.52 -10.26 -0.73
C SER A 240 13.56 -8.72 -0.88
N SER A 241 13.65 -8.30 -2.15
CA SER A 241 13.65 -6.89 -2.49
C SER A 241 12.54 -6.11 -1.78
N ILE A 242 11.29 -6.60 -1.96
CA ILE A 242 10.08 -5.96 -1.47
C ILE A 242 9.99 -6.05 0.04
N ASN A 243 10.40 -7.17 0.60
CA ASN A 243 10.39 -7.27 2.04
C ASN A 243 11.35 -6.21 2.61
N LEU A 244 12.50 -6.04 1.96
CA LEU A 244 13.50 -5.12 2.50
C LEU A 244 13.03 -3.68 2.38
N THR A 245 12.41 -3.32 1.24
CA THR A 245 11.97 -1.95 1.14
C THR A 245 10.84 -1.67 2.11
N THR A 246 10.02 -2.68 2.38
CA THR A 246 8.90 -2.53 3.30
C THR A 246 9.45 -2.28 4.70
N ALA A 247 10.37 -3.17 5.09
CA ALA A 247 10.98 -3.09 6.44
C ALA A 247 11.71 -1.77 6.61
N LEU A 248 12.40 -1.33 5.56
CA LEU A 248 13.06 0.01 5.58
C LEU A 248 12.05 1.12 5.88
N GLY A 249 10.88 1.04 5.26
CA GLY A 249 9.88 2.11 5.36
C GLY A 249 9.19 2.12 6.71
N SER A 250 8.91 0.93 7.23
CA SER A 250 8.34 0.72 8.58
C SER A 250 9.28 1.30 9.67
N LEU A 251 10.59 1.14 9.47
CA LEU A 251 11.57 1.71 10.39
C LEU A 251 11.59 3.20 10.22
N ALA A 252 11.28 3.72 9.05
CA ALA A 252 11.29 5.18 8.94
C ALA A 252 10.09 5.69 9.71
N ASN A 253 8.95 4.99 9.61
CA ASN A 253 7.74 5.43 10.34
C ASN A 253 7.93 5.34 11.87
N ILE A 254 8.34 4.17 12.33
CA ILE A 254 8.66 3.96 13.73
C ILE A 254 9.59 5.05 14.20
N ALA A 255 10.69 5.26 13.46
CA ALA A 255 11.66 6.30 13.89
C ALA A 255 11.04 7.67 14.06
N ARG A 256 10.09 8.04 13.21
CA ARG A 256 9.52 9.38 13.27
C ARG A 256 8.46 9.57 14.34
N GLN A 257 7.76 8.47 14.65
CA GLN A 257 6.60 8.47 15.53
C GLN A 257 7.06 8.13 16.91
N ARG A 258 8.18 7.42 16.96
CA ARG A 258 8.73 6.90 18.20
C ARG A 258 10.26 7.17 18.20
N PRO A 259 10.65 8.47 18.30
CA PRO A 259 12.06 8.83 18.19
C PRO A 259 12.94 8.32 19.34
N MET A 260 12.40 7.73 20.38
CA MET A 260 13.29 6.97 21.24
C MET A 260 13.98 5.82 20.47
N PHE A 261 13.46 5.44 19.30
CA PHE A 261 14.08 4.37 18.54
C PHE A 261 15.04 4.83 17.43
N MET A 262 15.24 6.13 17.28
CA MET A 262 16.12 6.65 16.27
C MET A 262 17.48 5.89 16.13
N SER A 263 18.12 5.59 17.25
CA SER A 263 19.44 4.98 17.23
C SER A 263 19.46 3.58 16.62
N GLU A 264 18.48 2.75 16.98
CA GLU A 264 18.36 1.42 16.38
C GLU A 264 18.11 1.48 14.87
N VAL A 265 17.33 2.46 14.42
CA VAL A 265 16.95 2.55 13.01
C VAL A 265 18.15 2.96 12.18
N ILE A 266 18.81 4.01 12.62
CA ILE A 266 20.01 4.44 11.98
C ILE A 266 21.04 3.29 11.92
N GLN A 267 21.20 2.56 13.01
CA GLN A 267 22.09 1.40 13.01
C GLN A 267 21.63 0.35 11.99
N ALA A 268 20.33 0.09 11.92
CA ALA A 268 19.83 -0.83 10.91
C ALA A 268 20.20 -0.32 9.50
N TYR A 269 19.99 0.97 9.23
CA TYR A 269 20.45 1.54 7.96
C TYR A 269 21.95 1.32 7.74
N GLU A 270 22.75 1.59 8.78
CA GLU A 270 24.19 1.43 8.71
C GLU A 270 24.51 0.00 8.30
N THR A 271 23.96 -0.94 9.06
CA THR A 271 24.15 -2.35 8.78
C THR A 271 23.83 -2.73 7.32
N LEU A 272 22.69 -2.27 6.82
CA LEU A 272 22.32 -2.60 5.44
C LEU A 272 23.33 -2.05 4.43
N HIS A 273 23.81 -0.84 4.68
CA HIS A 273 24.72 -0.20 3.76
C HIS A 273 26.16 -0.76 3.77
N ALA A 274 26.56 -1.39 4.86
CA ALA A 274 27.81 -2.12 4.83
C ALA A 274 27.57 -3.46 4.09
N ASN A 275 26.43 -4.09 4.40
CA ASN A 275 26.16 -5.49 4.10
C ASN A 275 25.02 -5.66 3.11
N LEU A 276 25.26 -5.34 1.84
CA LEU A 276 24.15 -5.50 0.88
C LEU A 276 23.81 -6.97 0.50
N PRO A 277 22.50 -7.31 0.58
CA PRO A 277 22.08 -8.71 0.57
C PRO A 277 22.33 -9.36 -0.80
N PRO A 278 23.04 -10.50 -0.80
CA PRO A 278 23.63 -10.84 -2.06
C PRO A 278 22.72 -11.65 -2.98
N THR A 279 21.48 -11.93 -2.56
CA THR A 279 20.53 -12.57 -3.47
C THR A 279 19.75 -11.54 -4.30
N LEU A 280 19.74 -10.26 -3.90
CA LEU A 280 19.12 -9.24 -4.69
C LEU A 280 19.73 -9.21 -6.11
N ALA A 281 18.90 -9.07 -7.15
CA ALA A 281 19.38 -8.91 -8.53
C ALA A 281 19.70 -7.44 -8.76
N LYS A 282 20.49 -7.10 -9.77
CA LYS A 282 20.96 -5.70 -9.95
C LYS A 282 19.87 -4.62 -9.76
N SER A 283 18.72 -4.77 -10.41
CA SER A 283 17.65 -3.79 -10.36
C SER A 283 16.96 -3.79 -9.00
N GLN A 284 16.89 -4.96 -8.39
CA GLN A 284 16.37 -5.05 -7.05
C GLN A 284 17.32 -4.27 -6.17
N VAL A 285 18.64 -4.42 -6.40
CA VAL A 285 19.57 -3.69 -5.54
C VAL A 285 19.24 -2.20 -5.68
N SER A 286 19.02 -1.76 -6.93
CA SER A 286 18.75 -0.36 -7.22
C SER A 286 17.44 0.08 -6.54
N SER A 287 16.41 -0.76 -6.60
CA SER A 287 15.13 -0.39 -6.06
C SER A 287 15.28 -0.15 -4.57
N VAL A 288 15.84 -1.13 -3.89
CA VAL A 288 15.98 -1.07 -2.44
C VAL A 288 16.82 0.13 -2.06
N ARG A 289 17.79 0.50 -2.89
CA ARG A 289 18.75 1.50 -2.49
C ARG A 289 18.18 2.90 -2.75
N LYS A 290 17.27 2.99 -3.71
CA LYS A 290 16.54 4.22 -3.91
C LYS A 290 15.60 4.45 -2.70
N ASN A 291 15.12 3.41 -2.06
CA ASN A 291 14.29 3.65 -0.92
C ASN A 291 15.12 3.99 0.29
N LEU A 292 16.28 3.35 0.42
CA LEU A 292 17.15 3.65 1.56
C LEU A 292 17.50 5.15 1.57
N LYS A 293 17.94 5.69 0.44
CA LYS A 293 18.07 7.14 0.23
C LYS A 293 16.84 7.93 0.71
N LEU A 294 15.66 7.56 0.22
CA LEU A 294 14.47 8.30 0.56
C LEU A 294 14.18 8.27 2.08
N HIS A 295 14.44 7.13 2.72
CA HIS A 295 14.14 7.07 4.16
C HIS A 295 15.18 7.75 5.03
N LEU A 296 16.43 7.76 4.55
CA LEU A 296 17.46 8.55 5.21
C LEU A 296 17.18 10.05 5.13
N LEU A 297 16.76 10.53 3.97
CA LEU A 297 16.43 11.93 3.82
C LEU A 297 15.27 12.30 4.73
N SER A 298 14.28 11.41 4.80
CA SER A 298 13.05 11.68 5.55
C SER A 298 13.28 11.69 7.06
N VAL A 299 14.26 10.90 7.50
CA VAL A 299 14.67 10.82 8.90
C VAL A 299 15.60 11.99 9.30
N LEU A 300 16.50 12.35 8.38
CA LEU A 300 17.41 13.48 8.62
C LEU A 300 16.63 14.74 9.01
N LYS A 301 15.43 14.90 8.44
CA LYS A 301 14.58 16.07 8.71
C LYS A 301 14.02 16.07 10.14
N HIS A 302 14.02 14.90 10.78
CA HIS A 302 13.55 14.81 12.14
C HIS A 302 14.57 15.37 13.13
N PRO A 303 14.11 16.26 14.03
CA PRO A 303 14.94 16.85 15.08
C PRO A 303 15.71 15.82 15.91
N ALA A 304 15.15 14.67 16.21
CA ALA A 304 15.87 13.69 17.04
C ALA A 304 17.00 12.93 16.31
N SER A 305 17.24 13.30 15.06
CA SER A 305 18.37 12.71 14.31
C SER A 305 19.70 13.47 14.46
N LEU A 306 19.63 14.72 14.90
CA LEU A 306 20.80 15.51 15.31
C LEU A 306 22.08 14.72 15.57
N GLU A 307 22.12 13.85 16.60
CA GLU A 307 23.37 13.13 16.98
C GLU A 307 24.06 12.49 15.77
N PHE A 308 23.26 11.92 14.88
CA PHE A 308 23.75 10.99 13.89
C PHE A 308 23.86 11.64 12.50
N GLN A 309 23.76 12.98 12.46
CA GLN A 309 23.70 13.72 11.20
C GLN A 309 24.85 13.44 10.24
N ALA A 310 26.07 13.32 10.76
CA ALA A 310 27.24 13.05 9.92
C ALA A 310 27.31 11.58 9.50
N GLN A 311 26.79 10.71 10.36
CA GLN A 311 26.68 9.28 10.05
C GLN A 311 25.64 9.08 8.94
N ILE A 312 24.54 9.83 8.99
CA ILE A 312 23.52 9.80 7.92
C ILE A 312 24.05 10.45 6.63
N THR A 313 24.74 11.56 6.80
CA THR A 313 25.27 12.29 5.67
C THR A 313 26.30 11.43 4.91
N THR A 314 27.20 10.77 5.65
CA THR A 314 28.17 9.81 5.05
C THR A 314 27.41 8.79 4.19
N LEU A 315 26.38 8.20 4.77
CA LEU A 315 25.52 7.23 4.12
C LEU A 315 24.87 7.78 2.86
N LEU A 316 24.23 8.94 2.96
CA LEU A 316 23.57 9.58 1.81
C LEU A 316 24.49 9.89 0.65
N VAL A 317 25.62 10.51 0.97
CA VAL A 317 26.63 10.87 0.00
C VAL A 317 27.13 9.61 -0.71
N ASP A 318 27.45 8.55 0.06
CA ASP A 318 27.94 7.28 -0.49
C ASP A 318 26.99 6.68 -1.54
N LEU A 319 25.70 7.03 -1.45
CA LEU A 319 24.68 6.54 -2.37
C LEU A 319 24.40 7.56 -3.49
N GLY A 320 25.21 8.63 -3.52
CA GLY A 320 25.15 9.58 -4.63
C GLY A 320 24.12 10.68 -4.47
N THR A 321 23.68 10.90 -3.25
CA THR A 321 22.77 11.99 -3.02
C THR A 321 23.48 13.32 -3.21
N PRO A 322 22.88 14.20 -4.02
CA PRO A 322 23.46 15.52 -4.26
C PRO A 322 23.12 16.51 -3.14
N GLN A 323 24.01 17.47 -2.91
CA GLN A 323 23.96 18.30 -1.69
C GLN A 323 22.86 19.36 -1.59
N ALA A 324 22.35 19.84 -2.73
CA ALA A 324 21.11 20.64 -2.73
C ALA A 324 19.91 19.82 -2.20
N GLU A 325 19.96 18.50 -2.41
CA GLU A 325 18.89 17.60 -1.92
C GLU A 325 19.12 17.17 -0.48
N ILE A 326 20.37 16.96 -0.09
CA ILE A 326 20.68 16.72 1.31
C ILE A 326 20.26 17.95 2.12
N ALA A 327 20.67 19.12 1.68
CA ALA A 327 20.39 20.35 2.42
C ALA A 327 18.92 20.78 2.48
N ARG A 328 18.08 20.26 1.58
CA ARG A 328 16.64 20.59 1.60
C ARG A 328 15.91 19.83 2.73
N ASN A 329 16.60 18.88 3.34
CA ASN A 329 16.00 17.93 4.27
C ASN A 329 16.56 17.98 5.69
N MET A 330 17.37 19.03 5.98
CA MET A 330 17.72 19.39 7.37
C MET A 330 16.43 19.72 8.14
N PRO A 331 16.52 19.86 9.48
CA PRO A 331 15.25 20.25 10.15
C PRO A 331 15.02 21.78 10.18
N PRO B 25 -8.86 -10.60 -11.49
CA PRO B 25 -8.23 -9.87 -12.59
C PRO B 25 -7.04 -9.07 -12.05
N LEU B 26 -6.99 -7.76 -12.33
CA LEU B 26 -5.84 -6.88 -12.08
C LEU B 26 -6.19 -5.43 -12.47
N ARG B 27 -6.39 -4.56 -11.46
CA ARG B 27 -6.68 -3.15 -11.70
C ARG B 27 -5.38 -2.39 -11.82
N VAL B 28 -5.14 -1.85 -13.02
CA VAL B 28 -3.84 -1.32 -13.35
C VAL B 28 -3.93 0.20 -13.54
N ALA B 29 -2.87 0.93 -13.17
CA ALA B 29 -2.75 2.33 -13.56
C ALA B 29 -1.48 2.51 -14.36
N VAL B 30 -1.55 3.23 -15.48
CA VAL B 30 -0.34 3.62 -16.21
C VAL B 30 -0.07 5.09 -16.06
N VAL B 31 1.17 5.43 -15.78
CA VAL B 31 1.50 6.75 -15.34
C VAL B 31 2.74 7.26 -16.04
N CYS B 32 2.65 8.44 -16.64
CA CYS B 32 3.86 9.09 -17.12
C CYS B 32 3.81 10.56 -16.75
N SER B 33 4.40 11.49 -17.48
CA SER B 33 4.32 12.90 -16.96
C SER B 33 3.18 13.81 -17.42
N SER B 34 2.91 13.87 -18.72
CA SER B 34 1.86 14.77 -19.23
C SER B 34 0.53 14.04 -19.51
N ASN B 35 0.52 12.71 -19.41
CA ASN B 35 -0.70 11.93 -19.70
C ASN B 35 -1.13 12.21 -21.15
N GLN B 36 -0.16 12.16 -22.07
CA GLN B 36 -0.43 12.43 -23.50
C GLN B 36 -0.05 11.29 -24.46
N ASN B 37 1.18 10.83 -24.33
CA ASN B 37 1.73 9.98 -25.32
C ASN B 37 1.90 8.57 -24.82
N ARG B 38 3.02 8.30 -24.14
CA ARG B 38 3.35 6.99 -23.63
C ARG B 38 2.23 6.47 -22.78
N SER B 39 1.69 7.30 -21.90
CA SER B 39 0.77 6.73 -20.95
C SER B 39 -0.55 6.44 -21.63
N MET B 40 -0.88 7.18 -22.68
CA MET B 40 -2.13 6.92 -23.40
C MET B 40 -1.94 5.80 -24.41
N GLU B 41 -0.73 5.64 -24.91
CA GLU B 41 -0.55 4.53 -25.84
C GLU B 41 -0.84 3.21 -25.04
N ALA B 42 -0.22 3.06 -23.87
CA ALA B 42 -0.54 1.94 -22.97
C ALA B 42 -2.03 1.89 -22.56
N HIS B 43 -2.60 3.00 -22.11
CA HIS B 43 -4.04 3.01 -21.81
C HIS B 43 -4.82 2.31 -22.93
N ASN B 44 -4.52 2.71 -24.15
CA ASN B 44 -5.27 2.26 -25.28
C ASN B 44 -5.13 0.75 -25.51
N ILE B 45 -3.89 0.27 -25.51
CA ILE B 45 -3.62 -1.17 -25.68
C ILE B 45 -4.26 -2.00 -24.56
N LEU B 46 -4.09 -1.59 -23.31
CA LEU B 46 -4.65 -2.34 -22.22
C LEU B 46 -6.17 -2.36 -22.24
N SER B 47 -6.76 -1.25 -22.66
CA SER B 47 -8.19 -1.13 -22.60
C SER B 47 -8.76 -2.01 -23.63
N LYS B 48 -8.24 -1.93 -24.85
CA LYS B 48 -8.73 -2.80 -25.94
C LYS B 48 -8.48 -4.30 -25.71
N ARG B 49 -7.65 -4.69 -24.74
CA ARG B 49 -7.40 -6.10 -24.51
C ARG B 49 -7.96 -6.52 -23.18
N GLY B 50 -8.88 -5.70 -22.65
CA GLY B 50 -9.77 -6.18 -21.59
C GLY B 50 -9.30 -5.87 -20.19
N PHE B 51 -8.17 -5.18 -20.01
CA PHE B 51 -7.75 -4.78 -18.67
C PHE B 51 -8.61 -3.66 -18.11
N SER B 52 -8.68 -3.62 -16.79
CA SER B 52 -9.25 -2.45 -16.15
C SER B 52 -8.07 -1.52 -15.90
N VAL B 53 -8.11 -0.33 -16.49
CA VAL B 53 -6.88 0.48 -16.59
C VAL B 53 -7.26 1.91 -16.46
N ARG B 54 -6.45 2.71 -15.76
CA ARG B 54 -6.61 4.16 -15.73
C ARG B 54 -5.24 4.76 -16.03
N SER B 55 -5.19 5.99 -16.53
CA SER B 55 -3.87 6.58 -16.79
C SER B 55 -3.81 8.00 -16.28
N PHE B 56 -2.61 8.43 -15.94
CA PHE B 56 -2.38 9.68 -15.25
C PHE B 56 -1.06 10.26 -15.65
N GLY B 57 -0.85 11.53 -15.32
CA GLY B 57 0.49 12.11 -15.37
C GLY B 57 0.90 12.62 -14.00
N THR B 58 2.19 12.81 -13.78
CA THR B 58 2.60 13.37 -12.55
C THR B 58 3.19 14.76 -12.67
N GLY B 59 3.63 15.15 -13.86
CA GLY B 59 4.32 16.45 -14.03
C GLY B 59 3.50 17.61 -13.49
N THR B 60 4.14 18.77 -13.27
CA THR B 60 3.45 19.96 -12.77
C THR B 60 2.47 20.50 -13.81
N HIS B 61 2.86 20.35 -15.06
CA HIS B 61 2.09 20.90 -16.15
C HIS B 61 1.88 19.85 -17.24
N VAL B 62 0.94 20.08 -18.14
CA VAL B 62 0.87 19.24 -19.35
C VAL B 62 1.73 19.90 -20.43
N LYS B 63 2.66 19.12 -21.01
CA LYS B 63 3.59 19.64 -21.99
C LYS B 63 3.39 18.89 -23.29
N LEU B 64 3.03 19.60 -24.34
CA LEU B 64 3.06 19.11 -25.72
C LEU B 64 4.29 19.67 -26.47
N PRO B 65 4.90 18.88 -27.39
CA PRO B 65 6.07 19.39 -28.12
C PRO B 65 5.73 20.66 -28.88
N GLY B 66 6.64 21.63 -28.84
CA GLY B 66 6.39 22.89 -29.51
C GLY B 66 7.30 23.14 -30.71
N PRO B 67 7.44 24.43 -31.11
CA PRO B 67 8.22 24.88 -32.27
C PRO B 67 9.70 24.55 -32.11
N ALA B 68 10.15 24.49 -30.86
CA ALA B 68 11.52 24.11 -30.51
C ALA B 68 11.54 23.43 -29.14
N PRO B 69 12.28 22.30 -29.01
CA PRO B 69 12.33 21.50 -27.76
C PRO B 69 12.45 22.34 -26.46
N ASP B 70 13.09 23.50 -26.54
CA ASP B 70 13.19 24.41 -25.40
C ASP B 70 11.89 25.16 -25.07
N LYS B 71 11.03 25.37 -26.06
CA LYS B 71 9.74 26.05 -25.85
C LYS B 71 8.54 25.17 -26.17
N PRO B 72 8.21 24.24 -25.26
CA PRO B 72 7.06 23.37 -25.49
C PRO B 72 5.77 24.13 -25.30
N ASN B 73 4.65 23.49 -25.61
CA ASN B 73 3.34 24.03 -25.26
C ASN B 73 2.90 23.55 -23.89
N VAL B 74 2.47 24.46 -23.05
CA VAL B 74 2.20 24.17 -21.65
C VAL B 74 0.73 24.42 -21.28
N TYR B 75 0.11 23.43 -20.65
CA TYR B 75 -1.27 23.53 -20.14
C TYR B 75 -1.41 23.04 -18.72
N ASP B 76 -2.50 23.45 -18.09
CA ASP B 76 -3.01 22.88 -16.83
C ASP B 76 -3.80 21.60 -17.12
N PHE B 77 -3.68 20.62 -16.25
CA PHE B 77 -4.51 19.40 -16.34
C PHE B 77 -6.04 19.55 -16.44
N LYS B 78 -6.58 20.72 -16.11
CA LYS B 78 -7.99 20.98 -16.26
C LYS B 78 -8.34 21.02 -17.74
N THR B 79 -7.33 21.16 -18.60
CA THR B 79 -7.58 21.44 -19.99
C THR B 79 -7.98 20.19 -20.75
N THR B 80 -9.05 20.30 -21.50
CA THR B 80 -9.51 19.22 -22.41
C THR B 80 -8.53 18.83 -23.58
N TYR B 81 -8.56 17.58 -24.05
CA TYR B 81 -7.73 17.22 -25.23
C TYR B 81 -8.22 18.04 -26.43
N ASP B 82 -9.52 17.98 -26.67
CA ASP B 82 -10.15 18.79 -27.68
C ASP B 82 -9.66 20.26 -27.62
N GLN B 83 -9.66 20.84 -26.42
CA GLN B 83 -9.18 22.22 -26.29
C GLN B 83 -7.77 22.39 -26.87
N MET B 84 -6.86 21.48 -26.52
CA MET B 84 -5.46 21.59 -26.94
C MET B 84 -5.35 21.46 -28.45
N TYR B 85 -6.23 20.61 -28.98
CA TYR B 85 -6.38 20.42 -30.41
C TYR B 85 -6.55 21.76 -31.17
N ASN B 86 -7.47 22.61 -30.70
CA ASN B 86 -7.70 23.91 -31.32
C ASN B 86 -6.72 25.02 -30.90
N ASP B 87 -6.29 25.03 -29.64
CA ASP B 87 -5.18 25.90 -29.24
C ASP B 87 -3.95 25.68 -30.16
N LEU B 88 -3.75 24.43 -30.60
CA LEU B 88 -2.65 24.08 -31.50
C LEU B 88 -2.87 24.39 -32.97
N LEU B 89 -4.07 24.12 -33.49
CA LEU B 89 -4.33 24.47 -34.88
C LEU B 89 -4.67 25.96 -35.05
N ARG B 90 -4.68 26.66 -33.92
CA ARG B 90 -4.65 28.13 -33.89
C ARG B 90 -3.20 28.61 -33.97
N LYS B 91 -2.26 27.74 -33.57
CA LYS B 91 -0.85 28.13 -33.58
C LYS B 91 -0.23 27.93 -34.95
N ASP B 92 -0.34 26.69 -35.42
CA ASP B 92 0.37 26.22 -36.59
C ASP B 92 -0.35 24.93 -36.94
N LYS B 93 -1.43 25.02 -37.71
CA LYS B 93 -2.11 23.84 -38.28
C LYS B 93 -1.07 22.87 -38.86
N GLU B 94 -0.18 23.38 -39.71
CA GLU B 94 0.84 22.57 -40.38
C GLU B 94 1.80 21.82 -39.45
N LEU B 95 2.42 22.53 -38.50
CA LEU B 95 3.42 21.93 -37.61
C LEU B 95 2.86 20.79 -36.76
N TYR B 96 1.56 20.83 -36.45
CA TYR B 96 0.99 19.83 -35.55
C TYR B 96 0.37 18.63 -36.26
N THR B 97 0.14 18.78 -37.57
CA THR B 97 -0.23 17.65 -38.44
C THR B 97 0.99 16.80 -38.75
N GLN B 98 2.06 17.46 -39.16
CA GLN B 98 3.28 16.79 -39.56
C GLN B 98 3.92 16.03 -38.40
N ASN B 99 3.94 16.63 -37.21
CA ASN B 99 4.55 16.02 -36.05
C ASN B 99 3.60 15.11 -35.27
N GLY B 100 2.42 14.85 -35.83
CA GLY B 100 1.56 13.80 -35.31
C GLY B 100 0.84 14.12 -34.02
N ILE B 101 1.07 15.32 -33.49
CA ILE B 101 0.44 15.73 -32.26
C ILE B 101 -1.06 15.84 -32.40
N LEU B 102 -1.54 16.37 -33.51
CA LEU B 102 -2.98 16.43 -33.72
C LEU B 102 -3.62 15.04 -33.74
N HIS B 103 -3.04 14.07 -34.46
CA HIS B 103 -3.63 12.72 -34.48
C HIS B 103 -3.66 12.07 -33.06
N MET B 104 -2.58 12.28 -32.32
CA MET B 104 -2.50 11.86 -30.92
C MET B 104 -3.63 12.49 -30.06
N LEU B 105 -3.87 13.80 -30.23
CA LEU B 105 -4.90 14.47 -29.43
C LEU B 105 -6.25 13.90 -29.77
N ASP B 106 -6.45 13.65 -31.05
CA ASP B 106 -7.70 13.05 -31.50
C ASP B 106 -7.82 11.61 -30.97
N ARG B 107 -6.73 10.85 -30.95
CA ARG B 107 -6.79 9.52 -30.37
C ARG B 107 -7.08 9.59 -28.87
N ASN B 108 -6.45 10.52 -28.16
CA ASN B 108 -6.69 10.65 -26.72
C ASN B 108 -8.12 11.07 -26.40
N LYS B 109 -8.70 11.94 -27.22
CA LYS B 109 -10.07 12.38 -27.05
C LYS B 109 -11.02 11.19 -26.97
N ARG B 110 -10.75 10.18 -27.77
CA ARG B 110 -11.65 9.05 -27.96
C ARG B 110 -11.64 8.12 -26.76
N ILE B 111 -10.55 8.17 -26.00
CA ILE B 111 -10.44 7.39 -24.76
C ILE B 111 -11.04 8.18 -23.58
N LYS B 112 -10.67 9.45 -23.46
CA LYS B 112 -10.84 10.21 -22.22
C LYS B 112 -10.96 11.70 -22.54
N PRO B 113 -11.87 12.40 -21.85
CA PRO B 113 -12.00 13.82 -22.23
C PRO B 113 -10.77 14.68 -21.95
N ARG B 114 -10.05 14.42 -20.88
CA ARG B 114 -8.96 15.31 -20.44
C ARG B 114 -7.89 14.48 -19.77
N PRO B 115 -6.63 14.94 -19.77
CA PRO B 115 -5.56 14.27 -19.00
C PRO B 115 -5.75 14.47 -17.49
N GLU B 116 -5.15 13.57 -16.69
CA GLU B 116 -5.43 13.48 -15.26
C GLU B 116 -4.20 13.45 -14.38
N ARG B 117 -4.25 14.19 -13.28
CA ARG B 117 -3.07 14.22 -12.45
C ARG B 117 -3.13 13.07 -11.45
N PHE B 118 -2.10 12.24 -11.45
CA PHE B 118 -1.96 11.17 -10.47
C PHE B 118 -2.16 11.65 -9.05
N GLN B 119 -1.63 12.81 -8.70
CA GLN B 119 -1.66 13.29 -7.32
C GLN B 119 -3.07 13.65 -6.90
N ASN B 120 -3.95 13.79 -7.85
CA ASN B 120 -5.33 14.06 -7.52
C ASN B 120 -6.22 12.84 -7.58
N CYS B 121 -5.65 11.66 -7.83
CA CYS B 121 -6.48 10.49 -7.96
C CYS B 121 -6.76 9.90 -6.60
N LYS B 122 -7.97 9.35 -6.43
CA LYS B 122 -8.33 8.80 -5.13
C LYS B 122 -8.56 7.29 -5.14
N ASP B 123 -8.63 6.70 -6.33
CA ASP B 123 -8.85 5.28 -6.52
C ASP B 123 -7.65 4.40 -6.16
N LEU B 124 -7.92 3.13 -5.90
CA LEU B 124 -6.90 2.19 -5.51
C LEU B 124 -6.50 1.32 -6.70
N PHE B 125 -5.26 0.84 -6.76
CA PHE B 125 -4.85 -0.02 -7.87
C PHE B 125 -4.11 -1.26 -7.35
N ASP B 126 -3.95 -2.27 -8.18
CA ASP B 126 -3.14 -3.40 -7.75
C ASP B 126 -1.72 -3.12 -8.23
N LEU B 127 -1.57 -2.40 -9.35
CA LEU B 127 -0.28 -2.29 -9.98
C LEU B 127 -0.21 -0.96 -10.68
N ILE B 128 0.83 -0.18 -10.38
CA ILE B 128 0.99 1.11 -11.01
C ILE B 128 2.23 0.94 -11.83
N LEU B 129 2.17 1.27 -13.11
CA LEU B 129 3.34 1.18 -13.94
C LEU B 129 3.73 2.55 -14.42
N THR B 130 5.01 2.85 -14.30
CA THR B 130 5.53 4.12 -14.74
C THR B 130 6.40 3.92 -15.99
N CYS B 131 6.44 4.96 -16.83
CA CYS B 131 7.12 4.97 -18.13
C CYS B 131 8.45 5.75 -18.15
N GLU B 132 8.88 6.25 -16.98
CA GLU B 132 10.11 6.99 -16.82
C GLU B 132 10.50 6.98 -15.34
N GLU B 133 11.78 6.73 -15.01
CA GLU B 133 12.23 6.77 -13.60
C GLU B 133 11.84 8.03 -12.82
N ARG B 134 11.83 9.18 -13.46
CA ARG B 134 11.53 10.42 -12.75
C ARG B 134 10.11 10.39 -12.20
N VAL B 135 9.18 9.94 -13.03
CA VAL B 135 7.80 9.68 -12.65
C VAL B 135 7.64 8.65 -11.53
N TYR B 136 8.31 7.49 -11.67
CA TYR B 136 8.39 6.51 -10.58
C TYR B 136 8.74 7.21 -9.29
N ASP B 137 9.70 8.11 -9.30
CA ASP B 137 10.03 8.85 -8.09
C ASP B 137 8.83 9.68 -7.63
N GLN B 138 8.12 10.34 -8.55
CA GLN B 138 7.00 11.17 -8.16
C GLN B 138 5.82 10.34 -7.59
N VAL B 139 5.62 9.16 -8.17
CA VAL B 139 4.56 8.31 -7.71
C VAL B 139 4.90 7.85 -6.28
N VAL B 140 6.16 7.48 -6.06
CA VAL B 140 6.57 6.97 -4.74
C VAL B 140 6.44 8.07 -3.69
N GLU B 141 7.00 9.23 -4.00
CA GLU B 141 6.92 10.40 -3.18
C GLU B 141 5.48 10.75 -2.87
N ASP B 142 4.62 10.67 -3.86
CA ASP B 142 3.22 10.99 -3.61
C ASP B 142 2.58 9.96 -2.67
N LEU B 143 2.60 8.69 -3.05
CA LEU B 143 2.03 7.64 -2.19
C LEU B 143 2.64 7.58 -0.77
N ASN B 144 3.96 7.74 -0.63
CA ASN B 144 4.54 7.77 0.73
C ASN B 144 4.05 8.96 1.60
N SER B 145 3.60 10.05 0.97
CA SER B 145 3.26 11.24 1.75
C SER B 145 1.78 11.30 2.10
N ARG B 146 0.96 10.43 1.53
CA ARG B 146 -0.46 10.38 1.88
C ARG B 146 -0.73 9.69 3.21
N GLU B 147 -1.87 10.10 3.78
CA GLU B 147 -2.54 9.41 4.89
C GLU B 147 -2.68 7.90 4.63
N GLN B 148 -1.94 7.10 5.38
CA GLN B 148 -1.94 5.65 5.31
C GLN B 148 -3.04 5.12 6.24
N GLU B 149 -3.99 4.34 5.73
CA GLU B 149 -5.24 4.04 6.49
C GLU B 149 -5.46 2.54 6.76
N THR B 150 -4.79 1.74 5.95
CA THR B 150 -5.27 0.42 5.66
C THR B 150 -4.08 -0.54 5.58
N CYS B 151 -2.93 0.00 5.20
CA CYS B 151 -1.74 -0.75 4.84
C CYS B 151 -1.94 -1.80 3.73
N GLN B 152 -2.87 -1.58 2.81
CA GLN B 152 -2.94 -2.38 1.61
C GLN B 152 -1.81 -1.96 0.69
N PRO B 153 -0.99 -2.93 0.27
CA PRO B 153 0.12 -2.59 -0.63
C PRO B 153 -0.33 -2.40 -2.08
N VAL B 154 0.36 -1.54 -2.79
CA VAL B 154 0.20 -1.45 -4.22
C VAL B 154 1.63 -1.53 -4.77
N HIS B 155 1.81 -2.38 -5.76
CA HIS B 155 3.09 -2.55 -6.46
C HIS B 155 3.38 -1.47 -7.46
N VAL B 156 4.59 -0.93 -7.44
CA VAL B 156 4.96 0.09 -8.43
C VAL B 156 6.14 -0.39 -9.25
N VAL B 157 5.97 -0.37 -10.57
CA VAL B 157 7.01 -0.81 -11.51
C VAL B 157 7.34 0.25 -12.56
N ASN B 158 8.66 0.47 -12.78
CA ASN B 158 9.13 1.32 -13.85
C ASN B 158 9.63 0.63 -15.11
N VAL B 159 9.36 1.20 -16.28
CA VAL B 159 10.12 0.91 -17.47
C VAL B 159 10.37 2.21 -18.18
N ASP B 160 11.62 2.51 -18.46
CA ASP B 160 11.91 3.73 -19.19
C ASP B 160 11.48 3.61 -20.67
N ILE B 161 10.59 4.52 -21.07
CA ILE B 161 10.14 4.61 -22.44
C ILE B 161 10.45 6.02 -22.88
N GLN B 162 11.35 6.19 -23.84
CA GLN B 162 11.55 7.51 -24.47
C GLN B 162 10.25 8.10 -24.98
N ASP B 163 10.20 9.42 -25.04
CA ASP B 163 8.98 10.09 -25.39
C ASP B 163 8.99 10.30 -26.90
N ASN B 164 8.59 9.30 -27.68
CA ASN B 164 8.27 9.49 -29.11
C ASN B 164 7.24 8.44 -29.51
N HIS B 165 6.65 8.57 -30.71
CA HIS B 165 5.56 7.71 -31.15
C HIS B 165 5.96 6.24 -31.17
N GLU B 166 7.05 5.96 -31.90
CA GLU B 166 7.56 4.59 -32.05
C GLU B 166 7.83 3.89 -30.69
N GLU B 167 8.70 4.46 -29.86
CA GLU B 167 9.00 3.88 -28.56
C GLU B 167 7.77 3.79 -27.68
N ALA B 168 6.87 4.75 -27.81
CA ALA B 168 5.70 4.75 -26.98
C ALA B 168 4.84 3.58 -27.39
N THR B 169 4.67 3.37 -28.71
CA THR B 169 3.96 2.19 -29.20
C THR B 169 4.60 0.91 -28.72
N LEU B 170 5.92 0.77 -28.96
CA LEU B 170 6.66 -0.40 -28.47
C LEU B 170 6.53 -0.59 -26.98
N GLY B 171 6.48 0.51 -26.23
CA GLY B 171 6.47 0.43 -24.79
C GLY B 171 5.10 0.02 -24.29
N ALA B 172 4.06 0.49 -24.97
CA ALA B 172 2.73 0.01 -24.69
C ALA B 172 2.55 -1.52 -24.93
N PHE B 173 3.10 -2.06 -26.01
CA PHE B 173 2.99 -3.50 -26.22
C PHE B 173 3.76 -4.29 -25.18
N LEU B 174 4.88 -3.75 -24.75
CA LEU B 174 5.63 -4.41 -23.73
C LEU B 174 4.88 -4.40 -22.37
N ILE B 175 4.28 -3.27 -22.04
CA ILE B 175 3.53 -3.14 -20.81
C ILE B 175 2.34 -4.10 -20.84
N CYS B 176 1.75 -4.27 -22.02
CA CYS B 176 0.65 -5.17 -22.14
C CYS B 176 1.08 -6.63 -21.98
N GLU B 177 2.19 -7.05 -22.59
CA GLU B 177 2.71 -8.39 -22.37
C GLU B 177 3.02 -8.62 -20.87
N LEU B 178 3.59 -7.61 -20.22
CA LEU B 178 3.85 -7.68 -18.80
C LEU B 178 2.58 -7.95 -17.99
N CYS B 179 1.57 -7.10 -18.13
CA CYS B 179 0.35 -7.28 -17.38
C CYS B 179 -0.30 -8.59 -17.75
N GLN B 180 -0.28 -8.95 -19.02
CA GLN B 180 -0.84 -10.24 -19.36
C GLN B 180 -0.09 -11.35 -18.67
N CYS B 181 1.22 -11.19 -18.55
CA CYS B 181 2.02 -12.17 -17.85
C CYS B 181 1.72 -12.21 -16.33
N ILE B 182 1.66 -11.06 -15.67
CA ILE B 182 1.33 -10.98 -14.25
C ILE B 182 -0.05 -11.54 -13.96
N GLN B 183 -0.96 -11.32 -14.87
CA GLN B 183 -2.26 -11.90 -14.72
C GLN B 183 -2.35 -13.41 -14.86
N HIS B 184 -1.36 -14.05 -15.43
CA HIS B 184 -1.37 -15.50 -15.42
C HIS B 184 -0.78 -16.15 -14.17
N THR B 185 -0.21 -15.38 -13.25
CA THR B 185 0.34 -16.05 -12.07
C THR B 185 -0.76 -16.42 -11.10
N GLU B 186 -0.52 -17.48 -10.32
CA GLU B 186 -1.38 -17.87 -9.22
C GLU B 186 -1.27 -16.86 -8.07
N ASP B 187 -0.08 -16.30 -7.84
CA ASP B 187 0.19 -15.50 -6.63
C ASP B 187 1.12 -14.39 -7.05
N MET B 188 0.54 -13.23 -7.17
CA MET B 188 1.15 -12.06 -7.74
C MET B 188 2.30 -11.54 -6.91
N GLU B 189 2.05 -11.37 -5.62
CA GLU B 189 3.07 -10.78 -4.77
C GLU B 189 4.26 -11.71 -4.62
N ASN B 190 3.98 -13.01 -4.61
CA ASN B 190 5.03 -13.98 -4.39
C ASN B 190 5.87 -14.21 -5.63
N GLU B 191 5.35 -13.87 -6.79
CA GLU B 191 6.16 -14.13 -7.95
C GLU B 191 6.41 -13.03 -8.93
N ILE B 192 5.87 -11.83 -8.67
CA ILE B 192 6.09 -10.68 -9.54
C ILE B 192 7.58 -10.43 -9.82
N ASP B 193 8.42 -10.50 -8.79
CA ASP B 193 9.88 -10.25 -8.96
C ASP B 193 10.60 -11.29 -9.84
N GLU B 194 10.17 -12.54 -9.76
CA GLU B 194 10.77 -13.54 -10.64
C GLU B 194 10.35 -13.22 -12.09
N LEU B 195 9.10 -12.79 -12.31
CA LEU B 195 8.62 -12.46 -13.65
C LEU B 195 9.31 -11.24 -14.20
N LEU B 196 9.53 -10.23 -13.34
CA LEU B 196 10.16 -9.02 -13.81
C LEU B 196 11.57 -9.36 -14.22
N GLN B 197 12.23 -10.27 -13.49
CA GLN B 197 13.56 -10.65 -13.87
C GLN B 197 13.57 -11.40 -15.17
N GLU B 198 12.55 -12.23 -15.40
CA GLU B 198 12.45 -12.97 -16.65
C GLU B 198 12.39 -11.96 -17.79
N PHE B 199 11.53 -10.96 -17.58
CA PHE B 199 11.32 -9.84 -18.50
C PHE B 199 12.49 -8.91 -18.74
N GLU B 200 13.37 -8.75 -17.75
CA GLU B 200 14.58 -7.94 -17.96
C GLU B 200 15.49 -8.68 -18.91
N GLU B 201 15.54 -9.99 -18.77
CA GLU B 201 16.52 -10.80 -19.48
C GLU B 201 16.06 -11.04 -20.90
N LYS B 202 14.76 -11.26 -21.12
CA LYS B 202 14.15 -11.24 -22.46
C LYS B 202 14.26 -9.90 -23.18
N SER B 203 13.84 -8.81 -22.54
CA SER B 203 13.62 -7.52 -23.18
C SER B 203 14.85 -6.64 -23.24
N GLY B 204 15.87 -7.01 -22.48
CA GLY B 204 17.08 -6.19 -22.40
C GLY B 204 16.87 -4.92 -21.58
N ARG B 205 15.66 -4.73 -21.04
CA ARG B 205 15.29 -3.51 -20.28
C ARG B 205 15.17 -3.67 -18.73
N THR B 206 15.61 -2.67 -17.96
CA THR B 206 15.50 -2.84 -16.51
C THR B 206 14.13 -2.40 -15.91
N PHE B 207 13.63 -3.14 -14.90
CA PHE B 207 12.29 -2.90 -14.32
C PHE B 207 12.41 -2.67 -12.81
N LEU B 208 12.40 -1.40 -12.39
CA LEU B 208 12.50 -1.06 -10.98
C LEU B 208 11.21 -1.50 -10.31
N HIS B 209 11.26 -1.88 -9.06
CA HIS B 209 10.05 -2.44 -8.44
C HIS B 209 10.03 -2.16 -6.95
N THR B 210 8.91 -1.61 -6.47
CA THR B 210 8.76 -1.19 -5.08
C THR B 210 7.30 -1.25 -4.69
N VAL B 211 7.01 -1.10 -3.41
CA VAL B 211 5.64 -1.12 -2.94
C VAL B 211 5.35 0.14 -2.15
N CYS B 212 4.13 0.65 -2.28
CA CYS B 212 3.65 1.69 -1.40
C CYS B 212 2.44 1.15 -0.70
N PHE B 213 1.94 1.89 0.27
CA PHE B 213 0.83 1.44 1.06
C PHE B 213 -0.32 2.44 1.06
N TYR B 214 -1.54 1.92 1.03
CA TYR B 214 -2.71 2.74 1.25
C TYR B 214 -3.10 2.78 2.74
P PO4 C . 3.44 11.14 -21.64
O1 PO4 C . 2.59 10.13 -20.90
O2 PO4 C . 4.25 10.34 -22.66
O3 PO4 C . 4.33 11.83 -20.65
O4 PO4 C . 2.48 12.09 -22.27
#